data_8K3K
#
_entry.id   8K3K
#
_cell.length_a   76.110
_cell.length_b   76.110
_cell.length_c   251.450
_cell.angle_alpha   90.00
_cell.angle_beta   90.00
_cell.angle_gamma   120.00
#
_symmetry.space_group_name_H-M   'P 61 2 2'
#
loop_
_entity.id
_entity.type
_entity.pdbx_description
1 polymer 'Spike protein S1'
2 polymer 'Nanobody Nb4'
3 water water
#
loop_
_entity_poly.entity_id
_entity_poly.type
_entity_poly.pdbx_seq_one_letter_code
_entity_poly.pdbx_strand_id
1 'polypeptide(L)'
;RVQPTESIVRFPNITNLCPFDEVFNATRFASVYAWNRKRISNCVADYSVLYNLAPFFTFKCYGVSPTKLNDLCFTNVYAD
SFVIRGDEVRQIAPGQTGNIADYNYKLPDDFTGCVIAWNSNKLDSKVSGNYNYLYRLFRKSNLKPFERDISTEIYQAGNK
PCNGVAGFNCYFPLKSYSFRPTYGVGHQPYRVVVLSFELLHAPATVCGPKKSTGTGLNDIFEAQKIEWHEGSLEVLFQGP
HHHHHHHH
;
E
2 'polypeptide(L)'
;GSSSAVQLQASGGGFVQPGGSLRLSCAASGWAETFGHMGWFRQAPGKEREFVSAIDWWDTVHYYADSVKGRFTISRDNSK
NTVYLQMNSLRAEDTATYYCAYWDMDYLQNSIPVDYWGQGTQVTVSSAGRAGEQKLISEEDLNSAVDHHHHHH
;
D
#
# COMPACT_ATOMS: atom_id res chain seq x y z
N ASN A 16 12.47 30.97 -3.16
CA ASN A 16 11.94 30.48 -1.90
C ASN A 16 11.36 29.08 -2.06
N LEU A 17 11.26 28.36 -0.95
CA LEU A 17 10.80 26.97 -0.99
C LEU A 17 9.29 26.90 -1.14
N CYS A 18 8.82 25.89 -1.87
CA CYS A 18 7.40 25.71 -2.07
C CYS A 18 6.76 25.09 -0.83
N PRO A 19 5.52 25.48 -0.49
CA PRO A 19 4.90 24.96 0.73
C PRO A 19 4.43 23.52 0.58
N PHE A 20 5.38 22.60 0.34
CA PHE A 20 5.01 21.20 0.18
C PHE A 20 4.55 20.59 1.50
N ASP A 21 5.18 21.01 2.61
CA ASP A 21 4.78 20.49 3.91
C ASP A 21 3.39 20.95 4.33
N GLU A 22 2.92 22.07 3.79
CA GLU A 22 1.56 22.51 4.09
C GLU A 22 0.53 21.52 3.56
N VAL A 23 0.87 20.80 2.49
CA VAL A 23 -0.05 19.81 1.92
C VAL A 23 0.13 18.45 2.58
N PHE A 24 1.38 18.01 2.78
CA PHE A 24 1.63 16.68 3.32
C PHE A 24 1.53 16.65 4.83
N ASN A 25 2.18 17.59 5.51
CA ASN A 25 2.19 17.63 6.97
C ASN A 25 0.96 18.34 7.54
N ALA A 26 -0.08 18.56 6.75
CA ALA A 26 -1.30 19.16 7.26
C ALA A 26 -1.93 18.26 8.32
N THR A 27 -2.42 18.89 9.40
CA THR A 27 -2.98 18.14 10.51
C THR A 27 -4.22 17.37 10.08
N ARG A 28 -5.17 18.06 9.45
CA ARG A 28 -6.42 17.45 9.01
C ARG A 28 -6.46 17.36 7.48
N PHE A 29 -7.04 16.29 6.97
CA PHE A 29 -7.25 16.08 5.55
C PHE A 29 -8.75 16.09 5.27
N ALA A 30 -9.12 16.53 4.06
CA ALA A 30 -10.53 16.63 3.73
C ALA A 30 -11.10 15.28 3.32
N SER A 31 -12.42 15.20 3.33
CA SER A 31 -13.11 14.04 2.77
C SER A 31 -12.89 14.00 1.26
N VAL A 32 -12.97 12.79 0.70
CA VAL A 32 -12.72 12.63 -0.73
C VAL A 32 -13.78 13.35 -1.56
N TYR A 33 -15.02 13.40 -1.06
CA TYR A 33 -16.08 14.09 -1.80
C TYR A 33 -15.85 15.60 -1.85
N ALA A 34 -15.05 16.15 -0.93
CA ALA A 34 -14.73 17.57 -0.87
C ALA A 34 -13.22 17.74 -0.83
N TRP A 35 -12.53 17.19 -1.83
CA TRP A 35 -11.08 17.14 -1.83
C TRP A 35 -10.47 18.54 -1.87
N ASN A 36 -9.39 18.72 -1.13
CA ASN A 36 -8.71 20.01 -1.07
C ASN A 36 -8.03 20.34 -2.40
N ARG A 37 -7.52 21.56 -2.48
CA ARG A 37 -6.86 22.07 -3.68
C ARG A 37 -5.95 23.21 -3.27
N LYS A 38 -4.63 23.03 -3.42
CA LYS A 38 -3.66 24.04 -3.04
C LYS A 38 -2.98 24.58 -4.30
N ARG A 39 -3.14 25.88 -4.54
CA ARG A 39 -2.45 26.54 -5.64
C ARG A 39 -1.01 26.83 -5.26
N ILE A 40 -0.11 26.69 -6.23
CA ILE A 40 1.30 26.98 -6.05
C ILE A 40 1.66 28.19 -6.89
N SER A 41 2.67 28.94 -6.43
CA SER A 41 3.20 30.07 -7.18
C SER A 41 4.38 30.66 -6.42
N ASN A 42 5.36 31.15 -7.19
CA ASN A 42 6.47 31.95 -6.67
C ASN A 42 7.26 31.19 -5.61
N CYS A 43 7.83 30.06 -6.02
CA CYS A 43 8.64 29.26 -5.11
C CYS A 43 9.41 28.21 -5.89
N VAL A 44 10.54 27.79 -5.34
CA VAL A 44 11.30 26.67 -5.88
C VAL A 44 10.79 25.38 -5.26
N ALA A 45 10.77 24.31 -6.04
CA ALA A 45 10.17 23.04 -5.64
C ALA A 45 11.23 21.94 -5.70
N ASP A 46 11.69 21.51 -4.54
CA ASP A 46 12.55 20.34 -4.40
C ASP A 46 11.77 19.25 -3.67
N TYR A 47 11.82 18.03 -4.21
CA TYR A 47 10.96 16.95 -3.76
C TYR A 47 11.68 15.99 -2.82
N SER A 48 12.90 16.32 -2.40
CA SER A 48 13.60 15.50 -1.43
C SER A 48 12.89 15.51 -0.08
N VAL A 49 12.16 16.58 0.22
CA VAL A 49 11.32 16.61 1.41
C VAL A 49 10.29 15.49 1.37
N LEU A 50 9.79 15.16 0.18
CA LEU A 50 8.75 14.16 0.04
C LEU A 50 9.23 12.76 0.39
N TYR A 51 10.52 12.46 0.17
CA TYR A 51 10.98 11.08 0.27
C TYR A 51 10.95 10.55 1.69
N ASN A 52 11.08 11.43 2.69
CA ASN A 52 11.04 11.04 4.09
C ASN A 52 9.69 11.43 4.69
N LEU A 53 8.65 10.73 4.25
CA LEU A 53 7.27 11.04 4.59
C LEU A 53 6.54 9.92 5.34
N ALA A 54 6.82 8.67 4.98
CA ALA A 54 6.16 7.53 5.60
C ALA A 54 7.14 6.36 5.56
N PRO A 55 6.96 5.36 6.43
CA PRO A 55 7.82 4.17 6.34
C PRO A 55 7.70 3.46 4.99
N PHE A 56 6.52 3.48 4.39
CA PHE A 56 6.30 2.94 3.05
C PHE A 56 5.16 3.71 2.41
N PHE A 57 5.39 4.22 1.20
CA PHE A 57 4.36 4.95 0.48
C PHE A 57 4.53 4.70 -1.01
N THR A 58 3.49 4.99 -1.77
CA THR A 58 3.49 4.78 -3.21
C THR A 58 3.68 6.09 -3.95
N PHE A 59 4.41 6.05 -5.06
CA PHE A 59 4.78 7.21 -5.86
C PHE A 59 4.70 6.80 -7.33
N LYS A 60 3.50 6.81 -7.89
CA LYS A 60 3.27 6.45 -9.28
C LYS A 60 3.12 7.72 -10.10
N CYS A 61 3.84 7.79 -11.22
CA CYS A 61 3.78 8.95 -12.11
C CYS A 61 3.35 8.50 -13.50
N TYR A 62 2.66 9.39 -14.20
CA TYR A 62 2.04 9.08 -15.49
C TYR A 62 2.69 9.96 -16.56
N GLY A 63 3.61 9.37 -17.33
CA GLY A 63 4.32 10.08 -18.37
C GLY A 63 5.67 10.61 -17.95
N VAL A 64 5.96 10.69 -16.65
CA VAL A 64 7.23 11.18 -16.14
C VAL A 64 7.74 10.20 -15.10
N SER A 65 9.03 10.30 -14.79
CA SER A 65 9.63 9.49 -13.73
C SER A 65 9.90 10.35 -12.50
N PRO A 66 9.66 9.82 -11.30
CA PRO A 66 9.83 10.63 -10.09
C PRO A 66 11.25 11.12 -9.84
N THR A 67 12.26 10.58 -10.54
CA THR A 67 13.63 11.02 -10.34
C THR A 67 13.98 12.18 -11.27
N LYS A 68 13.84 11.99 -12.59
CA LYS A 68 14.08 13.06 -13.53
C LYS A 68 13.13 14.22 -13.35
N LEU A 69 12.01 14.01 -12.64
CA LEU A 69 11.01 15.05 -12.41
C LEU A 69 11.55 16.17 -11.52
N ASN A 70 12.73 16.01 -10.93
CA ASN A 70 13.37 17.10 -10.20
C ASN A 70 14.03 18.11 -11.12
N ASP A 71 14.32 17.74 -12.36
CA ASP A 71 14.94 18.62 -13.33
C ASP A 71 13.93 19.25 -14.29
N LEU A 72 12.66 19.33 -13.89
CA LEU A 72 11.59 19.78 -14.77
C LEU A 72 11.09 21.16 -14.38
N CYS A 73 10.61 21.90 -15.37
CA CYS A 73 10.02 23.21 -15.17
C CYS A 73 8.54 23.17 -15.50
N PHE A 74 7.73 23.87 -14.70
CA PHE A 74 6.30 23.92 -14.89
C PHE A 74 5.78 25.32 -14.60
N THR A 75 4.61 25.62 -15.14
CA THR A 75 3.91 26.87 -14.85
C THR A 75 2.90 26.74 -13.72
N ASN A 76 2.33 25.55 -13.54
CA ASN A 76 1.35 25.32 -12.49
C ASN A 76 1.40 23.85 -12.10
N VAL A 77 1.29 23.59 -10.80
CA VAL A 77 1.05 22.25 -10.28
C VAL A 77 -0.08 22.35 -9.25
N TYR A 78 -0.96 21.36 -9.23
CA TYR A 78 -2.10 21.35 -8.35
C TYR A 78 -2.01 20.13 -7.45
N ALA A 79 -2.05 20.37 -6.14
CA ALA A 79 -1.97 19.30 -5.14
C ALA A 79 -3.36 19.07 -4.55
N ASP A 80 -4.03 18.03 -5.02
CA ASP A 80 -5.31 17.62 -4.47
C ASP A 80 -5.09 16.55 -3.43
N SER A 81 -5.63 16.75 -2.23
CA SER A 81 -5.43 15.83 -1.12
C SER A 81 -6.77 15.45 -0.52
N PHE A 82 -6.87 14.21 -0.07
CA PHE A 82 -8.09 13.65 0.50
C PHE A 82 -7.72 12.35 1.20
N VAL A 83 -8.72 11.73 1.83
CA VAL A 83 -8.55 10.47 2.54
C VAL A 83 -9.55 9.46 2.01
N ILE A 84 -9.08 8.25 1.71
CA ILE A 84 -9.92 7.15 1.27
C ILE A 84 -9.43 5.88 1.96
N ARG A 85 -10.11 4.77 1.67
CA ARG A 85 -9.67 3.46 2.13
C ARG A 85 -8.44 3.01 1.32
N GLY A 86 -7.66 2.13 1.93
CA GLY A 86 -6.58 1.51 1.18
C GLY A 86 -7.09 0.63 0.05
N ASP A 87 -8.24 -0.01 0.27
CA ASP A 87 -8.97 -0.77 -0.74
C ASP A 87 -9.14 0.01 -2.04
N GLU A 88 -9.20 1.33 -1.93
CA GLU A 88 -9.69 2.18 -3.00
C GLU A 88 -8.62 3.08 -3.61
N VAL A 89 -7.37 2.99 -3.13
CA VAL A 89 -6.28 3.76 -3.75
C VAL A 89 -6.17 3.42 -5.23
N ARG A 90 -6.46 2.16 -5.57
CA ARG A 90 -6.42 1.72 -6.97
C ARG A 90 -7.33 2.56 -7.86
N GLN A 91 -8.43 3.07 -7.30
CA GLN A 91 -9.35 3.89 -8.07
C GLN A 91 -8.79 5.27 -8.40
N ILE A 92 -7.71 5.69 -7.75
CA ILE A 92 -7.08 6.96 -8.05
C ILE A 92 -6.06 6.74 -9.16
N ALA A 93 -6.55 6.46 -10.36
CA ALA A 93 -5.73 6.18 -11.53
C ALA A 93 -6.59 6.38 -12.77
N PRO A 94 -6.00 6.72 -13.91
CA PRO A 94 -6.81 6.93 -15.12
C PRO A 94 -7.58 5.67 -15.50
N GLY A 95 -8.81 5.88 -15.96
CA GLY A 95 -9.61 4.80 -16.51
C GLY A 95 -10.22 3.84 -15.51
N GLN A 96 -10.20 4.17 -14.21
CA GLN A 96 -10.78 3.29 -13.21
C GLN A 96 -12.24 3.65 -12.95
N THR A 97 -12.97 2.68 -12.39
CA THR A 97 -14.36 2.87 -12.02
C THR A 97 -14.55 2.48 -10.56
N GLY A 98 -15.71 2.84 -10.03
CA GLY A 98 -16.02 2.66 -8.62
C GLY A 98 -16.58 3.94 -8.00
N ASN A 99 -17.03 3.79 -6.76
CA ASN A 99 -17.68 4.91 -6.07
C ASN A 99 -16.77 6.13 -6.01
N ILE A 100 -15.46 5.92 -5.88
CA ILE A 100 -14.53 7.04 -5.71
C ILE A 100 -14.19 7.66 -7.06
N ALA A 101 -13.85 6.81 -8.05
CA ALA A 101 -13.55 7.33 -9.38
C ALA A 101 -14.77 7.96 -10.02
N ASP A 102 -15.95 7.36 -9.85
CA ASP A 102 -17.17 7.85 -10.50
C ASP A 102 -17.83 9.00 -9.75
N TYR A 103 -17.96 8.88 -8.43
CA TYR A 103 -18.78 9.82 -7.65
C TYR A 103 -17.98 10.72 -6.72
N ASN A 104 -16.65 10.65 -6.74
CA ASN A 104 -15.89 11.44 -5.77
C ASN A 104 -14.69 12.16 -6.38
N TYR A 105 -13.86 11.46 -7.15
CA TYR A 105 -12.66 12.08 -7.71
C TYR A 105 -12.21 11.28 -8.93
N LYS A 106 -12.36 11.87 -10.11
CA LYS A 106 -12.00 11.24 -11.37
C LYS A 106 -10.75 11.89 -11.93
N LEU A 107 -9.80 11.06 -12.39
CA LEU A 107 -8.62 11.48 -13.11
C LEU A 107 -8.82 11.31 -14.61
N PRO A 108 -8.32 12.24 -15.41
CA PRO A 108 -8.49 12.13 -16.87
C PRO A 108 -7.67 10.99 -17.45
N ASP A 109 -8.03 10.59 -18.67
CA ASP A 109 -7.32 9.50 -19.33
C ASP A 109 -5.91 9.90 -19.71
N ASP A 110 -5.75 11.11 -20.29
CA ASP A 110 -4.44 11.66 -20.61
C ASP A 110 -3.80 12.37 -19.42
N PHE A 111 -4.08 11.94 -18.20
CA PHE A 111 -3.57 12.59 -17.00
C PHE A 111 -2.05 12.53 -16.97
N THR A 112 -1.42 13.69 -16.79
CA THR A 112 0.01 13.77 -16.54
C THR A 112 0.21 14.30 -15.12
N GLY A 113 1.10 13.67 -14.38
CA GLY A 113 1.29 13.96 -12.98
C GLY A 113 1.49 12.68 -12.20
N CYS A 114 1.47 12.80 -10.87
CA CYS A 114 1.78 11.68 -9.98
C CYS A 114 0.75 11.59 -8.86
N VAL A 115 0.74 10.42 -8.22
CA VAL A 115 -0.17 10.11 -7.13
C VAL A 115 0.64 9.60 -5.94
N ILE A 116 0.44 10.22 -4.78
CA ILE A 116 1.14 9.84 -3.55
C ILE A 116 0.12 9.35 -2.54
N ALA A 117 0.31 8.14 -2.02
CA ALA A 117 -0.60 7.57 -1.04
C ALA A 117 0.21 6.85 0.04
N TRP A 118 -0.22 7.01 1.29
CA TRP A 118 0.47 6.38 2.41
C TRP A 118 -0.52 6.11 3.54
N ASN A 119 -0.27 5.03 4.28
CA ASN A 119 -1.15 4.64 5.36
C ASN A 119 -1.19 5.70 6.46
N SER A 120 -2.40 6.09 6.85
CA SER A 120 -2.61 7.12 7.87
C SER A 120 -3.39 6.60 9.07
N ASN A 121 -3.31 5.29 9.33
CA ASN A 121 -4.04 4.68 10.44
C ASN A 121 -3.73 5.38 11.77
N LYS A 122 -2.45 5.64 12.04
CA LYS A 122 -2.05 6.25 13.30
C LYS A 122 -2.71 7.60 13.50
N LEU A 123 -3.03 8.31 12.42
CA LEU A 123 -3.56 9.66 12.52
C LEU A 123 -5.06 9.75 12.34
N ASP A 124 -5.66 8.90 11.51
CA ASP A 124 -7.03 9.11 11.05
C ASP A 124 -8.03 8.06 11.53
N SER A 125 -7.59 7.06 12.30
CA SER A 125 -8.48 6.06 12.85
C SER A 125 -8.47 6.13 14.37
N LYS A 126 -9.63 5.87 14.97
CA LYS A 126 -9.81 5.96 16.41
C LYS A 126 -10.43 4.67 16.91
N VAL A 127 -10.05 4.29 18.13
CA VAL A 127 -10.57 3.06 18.74
C VAL A 127 -12.07 3.12 18.86
N SER A 128 -12.62 4.31 19.13
CA SER A 128 -14.06 4.51 19.16
C SER A 128 -14.65 4.68 17.76
N GLY A 129 -13.81 4.64 16.73
CA GLY A 129 -14.26 4.81 15.36
C GLY A 129 -14.27 6.24 14.89
N ASN A 130 -13.50 6.55 13.84
CA ASN A 130 -13.54 7.86 13.20
C ASN A 130 -14.58 7.82 12.09
N TYR A 131 -15.63 8.63 12.23
CA TYR A 131 -16.71 8.67 11.27
C TYR A 131 -16.79 10.01 10.54
N ASN A 132 -15.73 10.82 10.62
CA ASN A 132 -15.77 12.17 10.06
C ASN A 132 -15.42 12.23 8.59
N TYR A 133 -14.85 11.16 8.02
CA TYR A 133 -14.51 11.12 6.62
C TYR A 133 -15.66 10.52 5.82
N LEU A 134 -16.07 11.21 4.77
CA LEU A 134 -17.22 10.81 3.97
C LEU A 134 -16.84 10.64 2.50
N TYR A 135 -17.67 9.87 1.80
CA TYR A 135 -17.59 9.70 0.36
C TYR A 135 -19.01 9.74 -0.21
N ARG A 136 -19.13 10.11 -1.47
CA ARG A 136 -20.43 10.13 -2.12
C ARG A 136 -20.81 8.72 -2.57
N LEU A 137 -22.04 8.33 -2.28
CA LEU A 137 -22.54 7.01 -2.65
C LEU A 137 -23.50 7.04 -3.83
N PHE A 138 -24.21 8.15 -4.03
CA PHE A 138 -25.23 8.24 -5.07
C PHE A 138 -25.01 9.49 -5.90
N ARG A 139 -25.13 9.33 -7.22
CA ARG A 139 -25.09 10.45 -8.15
C ARG A 139 -25.74 10.02 -9.44
N LYS A 140 -26.55 10.91 -10.02
CA LYS A 140 -27.27 10.56 -11.24
C LYS A 140 -26.32 10.33 -12.41
N SER A 141 -25.12 10.92 -12.36
CA SER A 141 -24.15 10.76 -13.43
C SER A 141 -22.73 10.78 -12.84
N ASN A 142 -21.83 10.08 -13.52
CA ASN A 142 -20.43 10.08 -13.10
C ASN A 142 -19.83 11.47 -13.26
N LEU A 143 -18.77 11.73 -12.50
CA LEU A 143 -18.14 13.04 -12.56
C LEU A 143 -17.27 13.16 -13.80
N LYS A 144 -17.17 14.38 -14.30
CA LYS A 144 -16.17 14.69 -15.29
C LYS A 144 -14.81 14.76 -14.60
N PRO A 145 -13.74 14.36 -15.30
CA PRO A 145 -12.39 14.49 -14.76
C PRO A 145 -12.17 15.86 -14.11
N PHE A 146 -11.76 15.84 -12.84
CA PHE A 146 -11.43 16.98 -11.98
C PHE A 146 -12.66 17.74 -11.47
N GLU A 147 -13.87 17.27 -11.78
CA GLU A 147 -15.06 17.91 -11.25
C GLU A 147 -15.17 17.66 -9.74
N ARG A 148 -15.80 18.61 -9.05
CA ARG A 148 -16.00 18.53 -7.61
C ARG A 148 -17.48 18.68 -7.30
N ASP A 149 -17.97 17.88 -6.34
CA ASP A 149 -19.37 17.92 -5.95
C ASP A 149 -19.44 17.82 -4.43
N ILE A 150 -19.88 18.91 -3.79
CA ILE A 150 -20.03 18.95 -2.34
C ILE A 150 -21.50 19.09 -1.94
N SER A 151 -22.41 18.83 -2.86
CA SER A 151 -23.83 18.97 -2.57
C SER A 151 -24.34 17.80 -1.74
N THR A 152 -25.34 18.08 -0.91
CA THR A 152 -25.93 17.09 -0.01
C THR A 152 -27.43 16.90 -0.28
N GLU A 153 -27.85 17.13 -1.52
CA GLU A 153 -29.26 16.95 -1.86
C GLU A 153 -29.64 15.48 -1.85
N ILE A 154 -30.85 15.19 -1.38
CA ILE A 154 -31.35 13.82 -1.37
C ILE A 154 -31.37 13.27 -2.80
N TYR A 155 -30.86 12.06 -2.96
CA TYR A 155 -30.83 11.42 -4.27
C TYR A 155 -32.17 10.76 -4.58
N GLN A 156 -32.72 11.08 -5.74
CA GLN A 156 -33.99 10.52 -6.20
C GLN A 156 -33.70 9.24 -6.98
N ALA A 157 -33.97 8.09 -6.36
CA ALA A 157 -33.70 6.79 -6.97
C ALA A 157 -34.93 6.16 -7.59
N GLY A 158 -36.12 6.73 -7.39
CA GLY A 158 -37.33 6.14 -7.93
C GLY A 158 -38.17 7.14 -8.71
N ASN A 159 -39.48 6.87 -8.81
CA ASN A 159 -40.35 7.69 -9.63
C ASN A 159 -40.76 8.98 -8.94
N LYS A 160 -40.91 8.95 -7.59
CA LYS A 160 -41.47 10.08 -6.85
C LYS A 160 -40.39 11.06 -6.42
N PRO A 161 -40.73 12.34 -6.33
CA PRO A 161 -39.79 13.33 -5.78
C PRO A 161 -39.60 13.10 -4.28
N CYS A 162 -38.49 13.64 -3.77
CA CYS A 162 -38.07 13.37 -2.41
C CYS A 162 -38.36 14.51 -1.43
N ASN A 163 -38.64 15.71 -1.93
CA ASN A 163 -39.03 16.86 -1.09
C ASN A 163 -38.01 17.14 0.01
N GLY A 164 -36.75 16.75 -0.22
CA GLY A 164 -35.70 16.94 0.76
C GLY A 164 -35.78 16.05 1.97
N VAL A 165 -36.52 14.94 1.89
CA VAL A 165 -36.71 14.02 3.02
C VAL A 165 -36.18 12.65 2.61
N ALA A 166 -35.39 12.04 3.49
CA ALA A 166 -34.83 10.71 3.21
C ALA A 166 -35.88 9.63 3.43
N GLY A 167 -35.85 8.62 2.57
CA GLY A 167 -36.77 7.50 2.65
C GLY A 167 -36.46 6.44 1.59
N PHE A 168 -37.48 5.73 1.14
CA PHE A 168 -37.28 4.76 0.06
C PHE A 168 -37.13 5.50 -1.26
N ASN A 169 -36.18 5.04 -2.10
CA ASN A 169 -35.76 5.73 -3.32
C ASN A 169 -35.42 7.20 -3.06
N CYS A 170 -35.05 7.52 -1.81
CA CYS A 170 -34.75 8.90 -1.41
C CYS A 170 -33.65 8.80 -0.36
N TYR A 171 -32.40 8.78 -0.83
CA TYR A 171 -31.25 8.49 0.01
C TYR A 171 -30.37 9.72 0.15
N PHE A 172 -29.81 9.89 1.35
CA PHE A 172 -28.76 10.87 1.54
C PHE A 172 -27.55 10.47 0.69
N PRO A 173 -26.97 11.40 -0.07
CA PRO A 173 -25.94 11.00 -1.05
C PRO A 173 -24.60 10.63 -0.44
N LEU A 174 -24.32 11.07 0.78
CA LEU A 174 -23.02 10.83 1.39
C LEU A 174 -23.12 9.72 2.43
N LYS A 175 -22.01 9.01 2.62
CA LYS A 175 -21.94 7.96 3.62
C LYS A 175 -20.55 7.97 4.24
N SER A 176 -20.49 7.67 5.53
CA SER A 176 -19.26 7.77 6.31
C SER A 176 -18.40 6.53 6.17
N TYR A 177 -17.08 6.74 6.20
CA TYR A 177 -16.16 5.65 6.46
C TYR A 177 -16.20 5.29 7.94
N SER A 178 -15.91 4.02 8.23
CA SER A 178 -15.61 3.58 9.60
C SER A 178 -14.12 3.29 9.66
N PHE A 179 -13.40 4.05 10.48
CA PHE A 179 -11.95 3.93 10.61
C PHE A 179 -11.61 3.57 12.05
N ARG A 180 -11.30 2.29 12.27
CA ARG A 180 -10.81 1.80 13.55
C ARG A 180 -9.44 1.17 13.35
N PRO A 181 -8.54 1.30 14.33
CA PRO A 181 -7.15 0.85 14.11
C PRO A 181 -7.01 -0.66 13.98
N THR A 182 -7.99 -1.44 14.44
CA THR A 182 -7.92 -2.89 14.38
C THR A 182 -8.43 -3.46 13.06
N TYR A 183 -8.90 -2.63 12.15
CA TYR A 183 -9.36 -3.10 10.86
C TYR A 183 -8.18 -3.62 10.03
N GLY A 184 -8.51 -4.38 8.98
CA GLY A 184 -7.50 -4.74 8.00
C GLY A 184 -7.00 -3.52 7.25
N VAL A 185 -5.80 -3.67 6.67
CA VAL A 185 -5.15 -2.53 6.01
C VAL A 185 -6.00 -2.02 4.86
N GLY A 186 -6.72 -2.90 4.17
CA GLY A 186 -7.58 -2.46 3.10
C GLY A 186 -8.66 -1.51 3.57
N HIS A 187 -9.09 -1.65 4.82
CA HIS A 187 -10.14 -0.83 5.41
C HIS A 187 -9.60 0.34 6.22
N GLN A 188 -8.28 0.47 6.32
CA GLN A 188 -7.69 1.55 7.09
C GLN A 188 -7.62 2.82 6.24
N PRO A 189 -7.56 3.99 6.88
CA PRO A 189 -7.49 5.24 6.11
C PRO A 189 -6.13 5.41 5.45
N TYR A 190 -6.14 5.94 4.22
CA TYR A 190 -4.93 6.25 3.49
C TYR A 190 -5.02 7.69 2.99
N ARG A 191 -3.97 8.47 3.24
CA ARG A 191 -3.90 9.83 2.76
C ARG A 191 -3.31 9.85 1.36
N VAL A 192 -4.02 10.51 0.44
CA VAL A 192 -3.65 10.54 -0.97
C VAL A 192 -3.37 11.98 -1.38
N VAL A 193 -2.34 12.18 -2.20
CA VAL A 193 -2.01 13.47 -2.76
C VAL A 193 -1.79 13.29 -4.25
N VAL A 194 -2.50 14.08 -5.06
CA VAL A 194 -2.42 14.00 -6.52
C VAL A 194 -1.78 15.27 -7.03
N LEU A 195 -0.67 15.10 -7.77
CA LEU A 195 0.00 16.21 -8.44
C LEU A 195 -0.39 16.21 -9.90
N SER A 196 -0.82 17.36 -10.40
CA SER A 196 -1.18 17.53 -11.81
C SER A 196 -0.34 18.64 -12.41
N PHE A 197 0.12 18.45 -13.65
CA PHE A 197 1.11 19.31 -14.27
C PHE A 197 0.46 20.14 -15.37
N GLU A 198 0.10 21.37 -15.05
CA GLU A 198 -0.51 22.30 -15.99
C GLU A 198 0.54 23.29 -16.48
N LEU A 199 0.56 23.54 -17.78
CA LEU A 199 1.57 24.39 -18.42
C LEU A 199 0.87 25.55 -19.10
N LEU A 200 0.78 26.68 -18.40
CA LEU A 200 0.17 27.87 -18.97
C LEU A 200 1.09 28.50 -20.02
N HIS A 201 0.47 29.25 -20.93
CA HIS A 201 1.22 29.96 -21.98
C HIS A 201 1.73 31.29 -21.43
N ALA A 202 2.64 31.16 -20.46
CA ALA A 202 3.21 32.22 -19.64
C ALA A 202 4.49 31.62 -19.05
N PRO A 203 5.25 32.33 -18.18
CA PRO A 203 6.54 31.77 -17.72
C PRO A 203 6.22 30.93 -16.49
N ALA A 204 7.24 30.60 -15.70
CA ALA A 204 7.12 29.50 -14.75
C ALA A 204 7.52 29.90 -13.34
N THR A 205 7.21 29.00 -12.40
CA THR A 205 7.70 29.08 -11.03
C THR A 205 7.78 27.71 -10.38
N VAL A 206 8.08 26.67 -11.17
CA VAL A 206 8.14 25.30 -10.69
C VAL A 206 9.34 24.61 -11.31
N CYS A 207 10.55 24.90 -10.79
CA CYS A 207 11.76 24.33 -11.35
C CYS A 207 12.68 23.89 -10.22
N GLY A 208 13.00 22.60 -10.17
CA GLY A 208 13.90 22.08 -9.19
C GLY A 208 15.29 22.67 -9.31
N PRO A 209 15.99 22.84 -8.19
CA PRO A 209 17.31 23.46 -8.15
C PRO A 209 18.36 22.67 -8.92
N SER B 2 14.72 3.41 -10.17
CA SER B 2 14.27 4.31 -11.23
C SER B 2 12.83 4.74 -10.98
N SER B 3 11.96 3.75 -10.76
CA SER B 3 10.56 4.02 -10.44
C SER B 3 10.14 3.36 -9.14
N SER B 4 11.09 2.87 -8.34
CA SER B 4 10.81 2.30 -7.04
C SER B 4 12.14 2.16 -6.31
N ALA B 5 12.05 1.99 -4.98
CA ALA B 5 13.21 1.79 -4.13
C ALA B 5 12.77 1.16 -2.82
N VAL B 6 12.81 -0.16 -2.73
CA VAL B 6 12.19 -0.89 -1.63
C VAL B 6 13.26 -1.69 -0.91
N GLN B 7 13.26 -1.63 0.42
CA GLN B 7 14.13 -2.44 1.25
C GLN B 7 13.32 -3.48 2.00
N LEU B 8 13.86 -4.69 2.08
CA LEU B 8 13.20 -5.81 2.75
C LEU B 8 14.08 -6.27 3.91
N GLN B 9 13.51 -6.31 5.11
CA GLN B 9 14.20 -6.73 6.32
C GLN B 9 13.54 -7.99 6.85
N ALA B 10 14.32 -9.07 6.96
CA ALA B 10 13.81 -10.37 7.36
C ALA B 10 14.11 -10.63 8.84
N SER B 11 13.28 -11.50 9.44
CA SER B 11 13.48 -11.94 10.81
C SER B 11 12.91 -13.34 10.96
N GLY B 12 13.37 -14.05 11.98
CA GLY B 12 12.99 -15.43 12.19
C GLY B 12 14.00 -16.39 11.58
N GLY B 13 13.77 -17.67 11.82
CA GLY B 13 14.59 -18.74 11.30
C GLY B 13 15.31 -19.47 12.41
N GLY B 14 16.24 -20.35 12.00
CA GLY B 14 17.07 -21.08 12.94
C GLY B 14 16.95 -22.59 12.74
N PHE B 15 17.02 -23.32 13.85
CA PHE B 15 17.05 -24.77 13.87
C PHE B 15 15.83 -25.28 14.62
N VAL B 16 15.07 -26.17 13.99
CA VAL B 16 13.91 -26.79 14.61
C VAL B 16 13.93 -28.29 14.29
N GLN B 17 13.01 -29.01 14.88
CA GLN B 17 12.87 -30.44 14.70
C GLN B 17 11.70 -30.75 13.75
N PRO B 18 11.74 -31.89 13.07
CA PRO B 18 10.60 -32.28 12.22
C PRO B 18 9.30 -32.29 13.02
N GLY B 19 8.26 -31.69 12.43
CA GLY B 19 7.00 -31.50 13.09
C GLY B 19 6.85 -30.16 13.79
N GLY B 20 7.94 -29.47 14.07
CA GLY B 20 7.90 -28.21 14.77
C GLY B 20 7.37 -27.08 13.91
N SER B 21 7.25 -25.91 14.53
CA SER B 21 6.73 -24.73 13.87
C SER B 21 7.78 -23.62 13.88
N LEU B 22 7.59 -22.65 12.98
CA LEU B 22 8.44 -21.48 12.91
C LEU B 22 7.67 -20.35 12.23
N ARG B 23 7.97 -19.12 12.63
CA ARG B 23 7.35 -17.94 12.04
C ARG B 23 8.43 -17.05 11.44
N LEU B 24 8.35 -16.83 10.14
CA LEU B 24 9.22 -15.88 9.44
C LEU B 24 8.48 -14.57 9.24
N SER B 25 9.25 -13.48 9.19
CA SER B 25 8.68 -12.16 9.00
C SER B 25 9.51 -11.39 7.97
N CYS B 26 8.85 -10.47 7.27
CA CYS B 26 9.52 -9.60 6.32
C CYS B 26 8.88 -8.22 6.38
N ALA B 27 9.70 -7.19 6.52
CA ALA B 27 9.24 -5.81 6.59
C ALA B 27 9.66 -5.07 5.33
N ALA B 28 8.74 -4.28 4.78
CA ALA B 28 8.99 -3.48 3.59
C ALA B 28 9.06 -2.00 3.95
N SER B 29 9.99 -1.30 3.32
N SER B 29 9.99 -1.30 3.32
CA SER B 29 10.16 0.13 3.56
CA SER B 29 10.16 0.13 3.56
C SER B 29 10.66 0.79 2.29
C SER B 29 10.66 0.79 2.29
N GLY B 30 10.50 2.12 2.23
CA GLY B 30 10.90 2.88 1.07
C GLY B 30 9.70 3.37 0.27
N TRP B 31 9.79 3.32 -1.05
CA TRP B 31 8.70 3.74 -1.91
C TRP B 31 8.64 2.85 -3.14
N ALA B 32 7.45 2.81 -3.76
CA ALA B 32 7.18 1.97 -4.90
C ALA B 32 6.08 2.60 -5.74
N GLU B 33 5.80 2.00 -6.89
CA GLU B 33 4.71 2.51 -7.74
C GLU B 33 3.35 2.15 -7.18
N THR B 34 3.22 0.96 -6.58
CA THR B 34 1.94 0.49 -6.07
C THR B 34 2.17 -0.34 -4.81
N PHE B 35 1.09 -0.54 -4.06
CA PHE B 35 1.10 -1.40 -2.89
C PHE B 35 1.09 -2.84 -3.39
N GLY B 36 2.28 -3.37 -3.68
CA GLY B 36 2.42 -4.63 -4.38
C GLY B 36 2.31 -5.84 -3.49
N HIS B 37 2.81 -6.96 -4.01
CA HIS B 37 2.76 -8.24 -3.33
C HIS B 37 4.06 -8.50 -2.58
N MET B 38 3.94 -9.22 -1.46
CA MET B 38 5.07 -9.69 -0.69
C MET B 38 5.03 -11.21 -0.66
N GLY B 39 6.20 -11.82 -0.46
CA GLY B 39 6.24 -13.28 -0.46
C GLY B 39 7.60 -13.82 -0.11
N TRP B 40 7.72 -15.14 -0.27
CA TRP B 40 8.94 -15.86 0.09
C TRP B 40 9.33 -16.82 -1.02
N PHE B 41 10.64 -16.93 -1.26
CA PHE B 41 11.25 -18.00 -2.02
C PHE B 41 12.15 -18.80 -1.08
N ARG B 42 12.65 -19.93 -1.57
CA ARG B 42 13.63 -20.69 -0.79
C ARG B 42 14.54 -21.44 -1.75
N GLN B 43 15.73 -21.76 -1.26
CA GLN B 43 16.75 -22.45 -2.05
C GLN B 43 17.40 -23.53 -1.19
N ALA B 44 17.19 -24.79 -1.56
CA ALA B 44 17.81 -25.91 -0.88
C ALA B 44 19.27 -26.03 -1.31
N PRO B 45 20.12 -26.67 -0.49
CA PRO B 45 21.54 -26.78 -0.85
C PRO B 45 21.73 -27.48 -2.19
N GLY B 46 22.48 -26.83 -3.08
CA GLY B 46 22.72 -27.33 -4.42
C GLY B 46 21.57 -27.14 -5.38
N LYS B 47 20.35 -26.95 -4.90
CA LYS B 47 19.18 -26.84 -5.75
C LYS B 47 19.03 -25.40 -6.22
N GLU B 48 17.97 -25.13 -6.97
CA GLU B 48 17.66 -23.78 -7.43
C GLU B 48 16.55 -23.17 -6.57
N ARG B 49 16.40 -21.86 -6.69
CA ARG B 49 15.38 -21.15 -5.92
C ARG B 49 13.99 -21.64 -6.32
N GLU B 50 13.11 -21.75 -5.32
CA GLU B 50 11.78 -22.29 -5.54
C GLU B 50 10.77 -21.40 -4.82
N PHE B 51 9.69 -21.06 -5.52
CA PHE B 51 8.64 -20.23 -4.94
C PHE B 51 8.00 -20.93 -3.74
N VAL B 52 7.66 -20.14 -2.73
CA VAL B 52 7.04 -20.63 -1.51
C VAL B 52 5.62 -20.07 -1.34
N SER B 53 5.50 -18.75 -1.28
CA SER B 53 4.21 -18.15 -0.94
C SER B 53 4.25 -16.66 -1.25
N ALA B 54 3.05 -16.10 -1.48
CA ALA B 54 2.90 -14.68 -1.78
C ALA B 54 1.53 -14.20 -1.29
N ILE B 55 1.39 -12.88 -1.21
CA ILE B 55 0.16 -12.27 -0.71
C ILE B 55 0.09 -10.86 -1.26
N ASP B 56 -1.11 -10.41 -1.60
CA ASP B 56 -1.27 -9.01 -1.98
C ASP B 56 -1.18 -8.12 -0.74
N TRP B 57 -1.01 -6.82 -0.97
CA TRP B 57 -0.83 -5.88 0.14
C TRP B 57 -2.02 -5.87 1.08
N TRP B 58 -3.21 -6.19 0.57
CA TRP B 58 -4.45 -6.02 1.31
C TRP B 58 -4.95 -7.32 1.93
N ASP B 59 -4.13 -8.38 1.93
CA ASP B 59 -4.45 -9.63 2.58
C ASP B 59 -5.75 -10.25 2.05
N THR B 60 -6.03 -10.05 0.77
CA THR B 60 -7.19 -10.66 0.14
C THR B 60 -6.84 -11.81 -0.79
N VAL B 61 -5.59 -11.89 -1.24
CA VAL B 61 -5.15 -12.93 -2.16
C VAL B 61 -3.95 -13.65 -1.53
N HIS B 62 -3.99 -14.98 -1.54
CA HIS B 62 -2.93 -15.80 -0.97
C HIS B 62 -2.55 -16.89 -1.96
N TYR B 63 -1.25 -17.02 -2.21
CA TYR B 63 -0.71 -18.04 -3.10
C TYR B 63 0.26 -18.94 -2.33
N TYR B 64 0.20 -20.24 -2.60
CA TYR B 64 1.07 -21.21 -1.95
C TYR B 64 1.61 -22.19 -2.97
N ALA B 65 2.87 -22.57 -2.80
CA ALA B 65 3.43 -23.67 -3.59
C ALA B 65 2.86 -25.00 -3.10
N ASP B 66 2.73 -25.95 -4.03
CA ASP B 66 2.12 -27.24 -3.71
C ASP B 66 2.87 -27.95 -2.58
N SER B 67 4.18 -27.76 -2.49
CA SER B 67 4.97 -28.42 -1.47
C SER B 67 4.65 -27.95 -0.06
N VAL B 68 3.93 -26.83 0.09
CA VAL B 68 3.65 -26.26 1.40
C VAL B 68 2.17 -26.01 1.62
N LYS B 69 1.30 -26.38 0.67
CA LYS B 69 -0.13 -26.15 0.85
C LYS B 69 -0.64 -26.93 2.05
N GLY B 70 -1.40 -26.24 2.91
CA GLY B 70 -1.95 -26.84 4.10
C GLY B 70 -1.05 -26.77 5.33
N ARG B 71 0.26 -26.59 5.13
CA ARG B 71 1.22 -26.48 6.22
C ARG B 71 1.68 -25.06 6.47
N PHE B 72 1.92 -24.28 5.43
CA PHE B 72 2.33 -22.89 5.56
C PHE B 72 1.12 -21.99 5.47
N THR B 73 1.19 -20.85 6.16
CA THR B 73 0.15 -19.84 6.11
C THR B 73 0.81 -18.47 6.08
N ILE B 74 0.37 -17.61 5.17
CA ILE B 74 0.98 -16.31 4.99
C ILE B 74 -0.06 -15.25 5.34
N SER B 75 0.33 -14.31 6.19
CA SER B 75 -0.59 -13.32 6.75
C SER B 75 0.10 -11.96 6.76
N ARG B 76 -0.61 -10.95 7.23
CA ARG B 76 -0.07 -9.59 7.24
C ARG B 76 -0.41 -8.90 8.56
N ASP B 77 0.51 -8.05 9.02
CA ASP B 77 0.27 -7.23 10.19
C ASP B 77 -0.61 -6.05 9.81
N ASN B 78 -1.48 -5.64 10.74
CA ASN B 78 -2.43 -4.57 10.50
C ASN B 78 -1.95 -3.21 10.99
N SER B 79 -0.89 -3.15 11.78
CA SER B 79 -0.30 -1.90 12.23
C SER B 79 1.14 -1.72 11.77
N LYS B 80 1.74 -2.74 11.15
CA LYS B 80 3.11 -2.69 10.68
C LYS B 80 3.14 -3.05 9.20
N ASN B 81 4.17 -2.58 8.50
CA ASN B 81 4.32 -2.90 7.09
C ASN B 81 5.04 -4.23 6.93
N THR B 82 4.58 -5.25 7.65
CA THR B 82 5.26 -6.53 7.78
C THR B 82 4.35 -7.66 7.33
N VAL B 83 4.93 -8.65 6.68
CA VAL B 83 4.23 -9.87 6.26
C VAL B 83 4.84 -11.05 7.00
N TYR B 84 4.00 -12.04 7.29
CA TYR B 84 4.40 -13.18 8.13
C TYR B 84 4.17 -14.49 7.40
N LEU B 85 5.07 -15.45 7.65
CA LEU B 85 4.95 -16.82 7.13
C LEU B 85 4.93 -17.77 8.32
N GLN B 86 3.78 -18.34 8.61
CA GLN B 86 3.63 -19.34 9.66
C GLN B 86 3.92 -20.71 9.08
N MET B 87 4.92 -21.41 9.63
CA MET B 87 5.42 -22.66 9.09
C MET B 87 5.11 -23.77 10.09
N ASN B 88 4.18 -24.65 9.74
CA ASN B 88 3.74 -25.74 10.61
C ASN B 88 4.16 -27.09 10.03
N SER B 89 4.35 -28.06 10.93
CA SER B 89 4.73 -29.42 10.57
C SER B 89 5.91 -29.44 9.61
N LEU B 90 6.99 -28.75 10.02
CA LEU B 90 8.15 -28.61 9.16
C LEU B 90 8.82 -29.97 8.96
N ARG B 91 9.20 -30.24 7.71
CA ARG B 91 9.87 -31.48 7.35
C ARG B 91 11.33 -31.20 6.99
N ALA B 92 12.10 -32.29 6.84
CA ALA B 92 13.51 -32.15 6.49
C ALA B 92 13.70 -31.43 5.17
N GLU B 93 12.77 -31.61 4.23
CA GLU B 93 12.88 -30.97 2.92
C GLU B 93 12.58 -29.47 2.97
N ASP B 94 12.03 -28.97 4.08
CA ASP B 94 11.89 -27.53 4.25
C ASP B 94 13.21 -26.84 4.54
N THR B 95 14.26 -27.59 4.85
CA THR B 95 15.57 -27.01 5.12
C THR B 95 16.08 -26.29 3.87
N ALA B 96 16.25 -24.97 4.00
CA ALA B 96 16.67 -24.14 2.88
C ALA B 96 16.97 -22.74 3.40
N THR B 97 17.58 -21.93 2.55
CA THR B 97 17.71 -20.50 2.80
C THR B 97 16.47 -19.81 2.25
N TYR B 98 15.76 -19.09 3.11
CA TYR B 98 14.49 -18.47 2.75
C TYR B 98 14.73 -17.01 2.41
N TYR B 99 14.22 -16.59 1.26
CA TYR B 99 14.39 -15.24 0.75
C TYR B 99 13.04 -14.54 0.71
N CYS B 100 12.96 -13.36 1.30
CA CYS B 100 11.79 -12.51 1.14
C CYS B 100 11.82 -11.83 -0.22
N ALA B 101 10.63 -11.54 -0.76
CA ALA B 101 10.54 -11.00 -2.10
C ALA B 101 9.36 -10.05 -2.18
N TYR B 102 9.45 -9.12 -3.14
CA TYR B 102 8.43 -8.11 -3.36
C TYR B 102 8.21 -7.94 -4.86
N TRP B 103 6.93 -7.89 -5.26
CA TRP B 103 6.55 -7.56 -6.62
C TRP B 103 5.80 -6.25 -6.61
N ASP B 104 6.24 -5.29 -7.44
CA ASP B 104 5.56 -4.01 -7.52
C ASP B 104 4.39 -4.07 -8.48
N MET B 105 3.49 -5.03 -8.29
CA MET B 105 2.33 -5.19 -9.15
C MET B 105 1.06 -5.29 -8.30
N ASP B 106 -0.06 -4.89 -8.90
CA ASP B 106 -1.36 -5.02 -8.26
C ASP B 106 -1.92 -6.43 -8.39
N TYR B 107 -1.50 -7.18 -9.41
CA TYR B 107 -1.94 -8.55 -9.63
C TYR B 107 -0.71 -9.39 -9.96
N LEU B 108 -0.69 -10.63 -9.47
CA LEU B 108 0.50 -11.47 -9.55
C LEU B 108 0.19 -12.66 -10.47
N GLN B 109 0.58 -12.54 -11.73
CA GLN B 109 0.35 -13.60 -12.70
C GLN B 109 1.24 -14.80 -12.41
N ASN B 110 2.56 -14.59 -12.38
CA ASN B 110 3.52 -15.64 -12.09
C ASN B 110 4.57 -15.13 -11.11
N SER B 111 5.34 -16.07 -10.58
CA SER B 111 6.41 -15.76 -9.64
C SER B 111 7.80 -15.22 -9.98
N ILE B 112 7.99 -14.88 -11.25
CA ILE B 112 9.26 -14.88 -11.99
C ILE B 112 10.06 -13.61 -12.22
N PRO B 113 9.48 -12.42 -12.58
CA PRO B 113 10.27 -11.17 -12.50
C PRO B 113 10.03 -10.49 -11.17
N VAL B 114 10.74 -10.95 -10.14
CA VAL B 114 10.69 -10.34 -8.83
C VAL B 114 11.37 -8.98 -8.87
N ASP B 115 10.84 -8.02 -8.12
CA ASP B 115 11.42 -6.68 -8.10
C ASP B 115 12.51 -6.51 -7.04
N TYR B 116 12.31 -7.07 -5.84
CA TYR B 116 13.27 -6.87 -4.77
C TYR B 116 13.35 -8.12 -3.92
N TRP B 117 14.54 -8.39 -3.39
CA TRP B 117 14.78 -9.48 -2.46
C TRP B 117 15.30 -8.92 -1.14
N GLY B 118 15.26 -9.76 -0.11
CA GLY B 118 15.95 -9.51 1.14
C GLY B 118 17.12 -10.46 1.27
N GLN B 119 17.93 -10.21 2.30
CA GLN B 119 19.03 -11.13 2.59
C GLN B 119 18.47 -12.48 3.02
N GLY B 120 19.23 -13.53 2.74
CA GLY B 120 18.79 -14.87 3.05
C GLY B 120 18.55 -15.06 4.54
N THR B 121 17.70 -16.03 4.85
CA THR B 121 17.39 -16.42 6.21
C THR B 121 17.45 -17.93 6.31
N GLN B 122 18.38 -18.44 7.12
CA GLN B 122 18.61 -19.87 7.19
C GLN B 122 17.57 -20.55 8.07
N VAL B 123 16.97 -21.62 7.55
CA VAL B 123 16.03 -22.45 8.29
C VAL B 123 16.47 -23.89 8.11
N THR B 124 16.71 -24.59 9.22
CA THR B 124 17.17 -25.97 9.21
C THR B 124 16.25 -26.83 10.05
N VAL B 125 15.77 -27.92 9.48
CA VAL B 125 14.89 -28.87 10.15
C VAL B 125 15.63 -30.19 10.24
N SER B 126 15.99 -30.61 11.45
CA SER B 126 16.71 -31.85 11.67
C SER B 126 16.73 -32.15 13.17
N SER B 127 17.25 -33.32 13.52
CA SER B 127 17.40 -33.71 14.90
C SER B 127 18.77 -33.36 15.48
N ALA B 128 19.76 -33.13 14.63
CA ALA B 128 21.11 -32.84 15.08
C ALA B 128 21.22 -31.45 15.69
N GLY B 129 21.05 -30.42 14.87
CA GLY B 129 21.21 -29.05 15.29
C GLY B 129 22.49 -28.45 14.73
N ARG B 130 22.75 -27.21 15.17
CA ARG B 130 23.94 -26.51 14.71
C ARG B 130 25.20 -27.27 15.09
N ALA B 131 26.13 -27.40 14.15
CA ALA B 131 27.34 -28.17 14.35
C ALA B 131 27.93 -27.27 15.42
N GLY B 132 28.12 -27.81 16.62
CA GLY B 132 28.72 -27.04 17.70
C GLY B 132 27.93 -26.55 18.90
N GLU B 133 26.67 -26.19 18.70
CA GLU B 133 25.86 -25.69 19.79
C GLU B 133 25.56 -26.80 20.78
N GLN B 134 25.61 -26.47 22.08
CA GLN B 134 25.43 -27.42 23.17
C GLN B 134 26.42 -28.56 23.42
N LYS B 135 27.69 -28.21 23.34
CA LYS B 135 28.78 -29.17 23.24
C LYS B 135 28.73 -30.22 24.34
N LEU B 136 28.15 -29.88 25.50
CA LEU B 136 28.18 -30.76 26.65
C LEU B 136 26.96 -31.67 26.62
N ILE B 137 27.19 -32.96 26.35
CA ILE B 137 26.14 -33.97 26.27
C ILE B 137 26.35 -34.93 27.44
N SER B 138 25.37 -34.99 28.34
CA SER B 138 25.48 -35.84 29.50
C SER B 138 25.54 -37.31 29.10
N GLU B 139 26.23 -38.11 29.92
CA GLU B 139 26.34 -39.53 29.63
C GLU B 139 24.99 -40.23 29.76
N GLU B 140 24.10 -39.72 30.62
CA GLU B 140 22.75 -40.28 30.72
C GLU B 140 21.95 -40.02 29.46
N ASP B 141 22.04 -38.80 28.91
CA ASP B 141 21.43 -38.52 27.62
C ASP B 141 22.14 -39.27 26.51
N LEU B 142 23.42 -39.59 26.70
CA LEU B 142 24.18 -40.30 25.69
C LEU B 142 23.61 -41.70 25.47
N ASN B 143 23.19 -42.37 26.54
CA ASN B 143 22.59 -43.69 26.41
C ASN B 143 21.07 -43.63 26.22
N SER B 144 20.40 -42.79 26.99
CA SER B 144 18.96 -42.60 26.82
C SER B 144 18.64 -41.13 26.58
#